data_2QS2
#
_entry.id   2QS2
#
_cell.length_a   98.124
_cell.length_b   98.176
_cell.length_c   128.594
_cell.angle_alpha   90.00
_cell.angle_beta   90.00
_cell.angle_gamma   90.00
#
_symmetry.space_group_name_H-M   'C 2 2 21'
#
loop_
_entity.id
_entity.type
_entity.pdbx_description
1 polymer 'Glutamate receptor, ionotropic kainate 1'
2 non-polymer 'CHLORIDE ION'
3 non-polymer 'PENTAETHYLENE GLYCOL'
4 non-polymer '3-({3-[(2S)-2-amino-2-carboxyethyl]-5-bromo-2,6-dioxo-3,6-dihydropyrimidin-1(2H)-yl}methyl)thiophene-2-carboxylic acid'
5 water water
#
_entity_poly.entity_id   1
_entity_poly.type   'polypeptide(L)'
_entity_poly.pdbx_seq_one_letter_code
;GSNRTLIVTTILEEPYVMYRKSDKPLYGNDRFEGYCLDLLKELSNILGFLYDVKLVPDGKYGAQNDKGEWNGMVKELIDH
RADLAVAPLTITYVREKVIDFSKPFMTLGISILYRKGTPIDSADDLAKQTKIEYGAVRDGSTMTFFKKSKISTYEKMWAF
MSSRQQSALVKNSDEGIQRVLTTDYALLMESTSIEYVTQRNCNLTQIGGLIDSKGYGVGTPIGSPYRDKITIAILQLQEE
GKLHMMKEKWWRGNGCPS
;
_entity_poly.pdbx_strand_id   A,B
#
# COMPACT_ATOMS: atom_id res chain seq x y z
N ARG A 4 5.14 -0.19 17.15
CA ARG A 4 5.30 0.08 15.69
C ARG A 4 5.64 1.54 15.44
N THR A 5 6.89 1.80 15.09
CA THR A 5 7.31 3.12 14.62
C THR A 5 6.77 3.31 13.21
N LEU A 6 5.94 4.33 13.04
CA LEU A 6 5.29 4.59 11.75
C LEU A 6 6.27 5.23 10.78
N ILE A 7 6.29 4.72 9.56
CA ILE A 7 7.04 5.36 8.48
C ILE A 7 6.14 6.40 7.83
N VAL A 8 6.62 7.63 7.78
CA VAL A 8 5.84 8.74 7.22
C VAL A 8 6.50 9.19 5.92
N THR A 9 5.79 9.00 4.82
CA THR A 9 6.27 9.52 3.54
C THR A 9 5.89 10.99 3.40
N THR A 10 6.81 11.78 2.84
CA THR A 10 6.55 13.19 2.63
C THR A 10 7.38 13.68 1.45
N ILE A 11 7.35 14.98 1.20
CA ILE A 11 7.99 15.55 0.01
C ILE A 11 8.50 16.94 0.35
N LEU A 12 9.66 17.30 -0.17
CA LEU A 12 10.18 18.65 0.03
C LEU A 12 9.28 19.66 -0.67
N GLU A 13 8.75 20.62 0.10
CA GLU A 13 7.85 21.64 -0.44
C GLU A 13 7.69 22.78 0.56
N GLU A 14 8.24 23.94 0.23
CA GLU A 14 8.18 25.12 1.11
C GLU A 14 6.73 25.64 1.24
N PRO A 15 6.28 25.98 2.47
CA PRO A 15 6.92 25.85 3.79
C PRO A 15 6.51 24.59 4.55
N TYR A 16 6.00 23.58 3.85
CA TYR A 16 5.50 22.36 4.49
C TYR A 16 6.60 21.46 5.01
N VAL A 17 7.62 21.26 4.19
CA VAL A 17 8.72 20.34 4.50
C VAL A 17 9.99 20.87 3.88
N MET A 18 10.95 21.19 4.75
N MET A 18 10.96 21.14 4.74
CA MET A 18 12.25 21.69 4.33
CA MET A 18 12.24 21.73 4.34
C MET A 18 13.34 21.06 5.17
C MET A 18 13.35 21.19 5.21
N TYR A 19 14.56 21.09 4.66
CA TYR A 19 15.72 20.79 5.47
C TYR A 19 16.01 22.02 6.33
N ARG A 20 16.38 21.80 7.59
CA ARG A 20 16.71 22.91 8.50
C ARG A 20 18.01 23.57 8.05
N LYS A 21 18.08 24.90 8.17
CA LYS A 21 19.28 25.65 7.77
C LYS A 21 20.26 25.55 8.93
N SER A 22 20.90 24.39 9.05
CA SER A 22 21.82 24.12 10.17
C SER A 22 22.83 23.06 9.81
N ASP A 23 24.05 23.22 10.33
CA ASP A 23 25.08 22.20 10.24
C ASP A 23 25.28 21.53 11.61
N LYS A 24 24.35 21.78 12.54
CA LYS A 24 24.37 21.09 13.84
C LYS A 24 24.12 19.59 13.64
N PRO A 25 24.51 18.75 14.61
CA PRO A 25 24.30 17.32 14.44
C PRO A 25 22.82 16.98 14.61
N LEU A 26 22.10 17.03 13.50
CA LEU A 26 20.68 16.72 13.48
C LEU A 26 20.50 15.43 12.70
N TYR A 27 19.77 14.49 13.29
CA TYR A 27 19.59 13.19 12.65
C TYR A 27 18.11 12.88 12.55
N GLY A 28 17.78 11.96 11.64
CA GLY A 28 16.42 11.49 11.50
C GLY A 28 15.43 12.61 11.29
N ASN A 29 14.36 12.63 12.07
CA ASN A 29 13.31 13.62 11.92
C ASN A 29 13.78 15.05 12.14
N ASP A 30 14.84 15.20 12.93
CA ASP A 30 15.35 16.51 13.34
C ASP A 30 16.02 17.29 12.21
N ARG A 31 16.26 16.60 11.09
CA ARG A 31 16.84 17.20 9.89
C ARG A 31 15.86 18.13 9.18
N PHE A 32 14.57 17.96 9.49
CA PHE A 32 13.47 18.64 8.78
C PHE A 32 12.74 19.65 9.64
N GLU A 33 12.13 20.63 9.00
CA GLU A 33 11.24 21.59 9.64
C GLU A 33 10.13 21.96 8.66
N GLY A 34 9.09 22.61 9.15
CA GLY A 34 8.00 23.04 8.28
C GLY A 34 6.65 22.74 8.88
N TYR A 35 5.62 23.26 8.23
CA TYR A 35 4.25 23.09 8.71
C TYR A 35 3.91 21.62 8.96
N CYS A 36 4.28 20.77 8.01
CA CYS A 36 3.91 19.34 8.10
C CYS A 36 4.70 18.63 9.19
N LEU A 37 5.91 19.10 9.45
CA LEU A 37 6.70 18.55 10.56
C LEU A 37 6.08 18.92 11.90
N ASP A 38 5.60 20.16 12.00
CA ASP A 38 4.90 20.60 13.20
C ASP A 38 3.59 19.84 13.36
N LEU A 39 2.86 19.64 12.26
CA LEU A 39 1.62 18.89 12.32
C LEU A 39 1.86 17.47 12.79
N LEU A 40 2.87 16.85 12.19
CA LEU A 40 3.22 15.48 12.51
C LEU A 40 3.62 15.35 13.98
N LYS A 41 4.38 16.31 14.49
CA LYS A 41 4.71 16.29 15.91
C LYS A 41 3.45 16.33 16.78
N GLU A 42 2.50 17.21 16.44
CA GLU A 42 1.25 17.31 17.18
C GLU A 42 0.44 16.01 17.13
N LEU A 43 0.35 15.43 15.93
CA LEU A 43 -0.35 14.17 15.76
C LEU A 43 0.29 13.06 16.60
N SER A 44 1.62 12.99 16.58
N SER A 44 1.62 13.01 16.60
CA SER A 44 2.37 12.00 17.35
CA SER A 44 2.38 12.00 17.35
C SER A 44 2.04 12.11 18.84
C SER A 44 2.15 12.11 18.85
N ASN A 45 1.96 13.33 19.34
CA ASN A 45 1.69 13.57 20.75
C ASN A 45 0.23 13.34 21.17
N ILE A 46 -0.71 13.53 20.25
CA ILE A 46 -2.12 13.24 20.53
C ILE A 46 -2.39 11.74 20.47
N LEU A 47 -1.89 11.08 19.42
CA LEU A 47 -2.14 9.65 19.20
C LEU A 47 -1.19 8.75 19.99
N GLY A 48 0.00 9.27 20.27
CA GLY A 48 1.03 8.48 20.97
C GLY A 48 1.72 7.49 20.06
N PHE A 49 2.29 7.97 18.96
CA PHE A 49 3.12 7.13 18.11
C PHE A 49 4.54 7.64 17.91
N LEU A 50 5.45 6.71 17.67
CA LEU A 50 6.79 7.03 17.21
C LEU A 50 6.76 7.04 15.69
N TYR A 51 7.61 7.84 15.07
CA TYR A 51 7.62 7.93 13.62
C TYR A 51 8.99 8.21 13.02
N ASP A 52 9.11 7.90 11.74
N ASP A 52 9.16 7.78 11.77
CA ASP A 52 10.34 8.01 10.98
CA ASP A 52 10.35 8.08 11.01
C ASP A 52 10.00 8.65 9.63
C ASP A 52 9.92 8.72 9.70
N VAL A 53 10.45 9.90 9.43
CA VAL A 53 10.12 10.64 8.22
C VAL A 53 11.05 10.21 7.10
N LYS A 54 10.48 9.80 5.97
N LYS A 54 10.46 9.78 5.99
CA LYS A 54 11.25 9.38 4.81
CA LYS A 54 11.21 9.39 4.80
C LYS A 54 10.76 10.09 3.56
C LYS A 54 10.73 10.19 3.60
N LEU A 55 11.64 10.90 2.96
CA LEU A 55 11.29 11.62 1.73
C LEU A 55 10.97 10.61 0.63
N VAL A 56 9.89 10.85 -0.13
CA VAL A 56 9.48 9.93 -1.18
C VAL A 56 10.62 9.82 -2.22
N PRO A 57 11.12 8.59 -2.46
CA PRO A 57 12.29 8.40 -3.32
C PRO A 57 12.19 9.05 -4.70
N ASP A 58 11.03 8.98 -5.35
CA ASP A 58 10.88 9.52 -6.70
C ASP A 58 10.52 11.02 -6.74
N GLY A 59 10.33 11.61 -5.57
CA GLY A 59 10.00 13.02 -5.44
C GLY A 59 8.66 13.44 -6.03
N LYS A 60 7.71 12.50 -6.11
CA LYS A 60 6.40 12.74 -6.73
C LYS A 60 5.26 12.69 -5.70
N TYR A 61 4.20 13.45 -5.96
CA TYR A 61 3.00 13.40 -5.10
C TYR A 61 2.27 12.07 -5.27
N GLY A 62 1.96 11.72 -6.51
CA GLY A 62 1.26 10.47 -6.77
C GLY A 62 0.20 10.59 -7.83
N ALA A 63 0.51 9.98 -8.98
CA ALA A 63 -0.39 9.94 -10.12
C ALA A 63 -0.35 8.55 -10.75
N GLN A 64 -1.33 8.27 -11.60
CA GLN A 64 -1.54 6.95 -12.16
C GLN A 64 -1.16 6.91 -13.65
N ASN A 65 -0.62 5.77 -14.12
CA ASN A 65 -0.44 5.55 -15.55
C ASN A 65 -1.57 4.69 -16.15
N ASP A 66 -1.48 4.39 -17.44
CA ASP A 66 -2.54 3.67 -18.14
C ASP A 66 -2.75 2.22 -17.68
N LYS A 67 -1.72 1.64 -17.06
CA LYS A 67 -1.81 0.28 -16.54
C LYS A 67 -2.35 0.26 -15.11
N GLY A 68 -2.67 1.44 -14.59
CA GLY A 68 -3.17 1.56 -13.23
C GLY A 68 -2.06 1.58 -12.19
N GLU A 69 -0.83 1.82 -12.66
CA GLU A 69 0.32 1.85 -11.79
C GLU A 69 0.54 3.25 -11.23
N TRP A 70 0.70 3.32 -9.90
CA TRP A 70 0.88 4.59 -9.22
C TRP A 70 2.35 4.90 -8.94
N ASN A 71 2.65 6.17 -8.70
CA ASN A 71 3.97 6.60 -8.25
C ASN A 71 3.86 7.46 -7.00
N GLY A 72 4.99 8.04 -6.60
CA GLY A 72 5.00 9.03 -5.52
C GLY A 72 4.56 8.50 -4.16
N MET A 73 4.12 9.43 -3.31
CA MET A 73 3.69 9.07 -1.95
C MET A 73 2.52 8.09 -1.95
N VAL A 74 1.61 8.23 -2.92
CA VAL A 74 0.48 7.31 -3.05
C VAL A 74 0.98 5.88 -3.23
N LYS A 75 1.96 5.68 -4.12
CA LYS A 75 2.55 4.35 -4.31
C LYS A 75 3.18 3.79 -3.03
N GLU A 76 3.84 4.65 -2.26
CA GLU A 76 4.46 4.21 -1.00
C GLU A 76 3.40 3.65 -0.05
N LEU A 77 2.25 4.32 0.00
CA LEU A 77 1.13 3.85 0.82
C LEU A 77 0.57 2.52 0.31
N ILE A 78 0.32 2.46 -0.99
CA ILE A 78 -0.25 1.26 -1.63
C ILE A 78 0.66 0.04 -1.39
N ASP A 79 1.97 0.27 -1.47
CA ASP A 79 2.98 -0.79 -1.30
C ASP A 79 3.29 -1.14 0.16
N HIS A 80 2.62 -0.46 1.08
CA HIS A 80 2.87 -0.61 2.52
C HIS A 80 4.32 -0.28 2.90
N ARG A 81 4.94 0.64 2.17
CA ARG A 81 6.27 1.14 2.52
C ARG A 81 6.22 2.43 3.35
N ALA A 82 5.01 2.91 3.55
CA ALA A 82 4.77 4.02 4.47
C ALA A 82 3.44 3.78 5.13
N ASP A 83 3.32 4.21 6.38
CA ASP A 83 2.09 4.09 7.14
C ASP A 83 1.21 5.32 6.97
N LEU A 84 1.85 6.49 6.85
CA LEU A 84 1.16 7.76 6.65
C LEU A 84 1.86 8.57 5.60
N ALA A 85 1.11 9.40 4.88
CA ALA A 85 1.66 10.44 4.03
C ALA A 85 1.23 11.79 4.61
N VAL A 86 2.20 12.57 5.06
CA VAL A 86 1.89 13.87 5.64
C VAL A 86 2.59 14.92 4.79
N ALA A 87 1.79 15.60 3.99
CA ALA A 87 2.30 16.49 2.94
C ALA A 87 1.13 17.36 2.48
N PRO A 88 1.41 18.40 1.66
CA PRO A 88 0.34 19.10 0.97
C PRO A 88 -0.22 18.21 -0.14
N LEU A 89 -0.96 17.19 0.26
CA LEU A 89 -1.45 16.12 -0.62
C LEU A 89 -2.97 16.22 -0.75
N THR A 90 -3.45 16.45 -1.98
CA THR A 90 -4.88 16.71 -2.18
C THR A 90 -5.71 15.44 -2.04
N ILE A 91 -6.81 15.55 -1.28
CA ILE A 91 -7.82 14.50 -1.21
C ILE A 91 -8.62 14.54 -2.52
N THR A 92 -8.51 13.48 -3.31
CA THR A 92 -9.18 13.42 -4.62
C THR A 92 -9.91 12.11 -4.79
N TYR A 93 -10.92 12.15 -5.64
CA TYR A 93 -11.72 10.99 -6.00
C TYR A 93 -10.84 9.81 -6.44
N VAL A 94 -9.94 10.06 -7.38
CA VAL A 94 -9.10 8.97 -7.90
C VAL A 94 -8.20 8.34 -6.84
N ARG A 95 -7.64 9.18 -5.96
CA ARG A 95 -6.76 8.67 -4.90
C ARG A 95 -7.53 7.87 -3.85
N GLU A 96 -8.76 8.27 -3.56
CA GLU A 96 -9.59 7.55 -2.59
C GLU A 96 -9.95 6.15 -3.06
N LYS A 97 -9.78 5.87 -4.35
CA LYS A 97 -9.94 4.52 -4.89
C LYS A 97 -8.86 3.57 -4.37
N VAL A 98 -7.71 4.12 -3.97
CA VAL A 98 -6.53 3.29 -3.69
C VAL A 98 -5.86 3.50 -2.33
N ILE A 99 -6.16 4.62 -1.69
CA ILE A 99 -5.70 4.94 -0.33
C ILE A 99 -6.83 5.61 0.46
N ASP A 100 -6.70 5.71 1.78
CA ASP A 100 -7.64 6.47 2.61
C ASP A 100 -7.01 7.82 2.98
N PHE A 101 -7.85 8.77 3.40
CA PHE A 101 -7.36 10.10 3.81
C PHE A 101 -8.08 10.49 5.09
N SER A 102 -7.35 11.13 6.01
CA SER A 102 -8.02 11.85 7.09
C SER A 102 -8.85 12.98 6.50
N LYS A 103 -9.75 13.53 7.31
CA LYS A 103 -10.38 14.79 6.98
C LYS A 103 -9.32 15.89 6.85
N PRO A 104 -9.63 16.96 6.11
CA PRO A 104 -8.56 17.89 5.75
C PRO A 104 -8.03 18.76 6.87
N PHE A 105 -6.71 18.95 6.90
CA PHE A 105 -6.11 19.88 7.85
C PHE A 105 -5.95 21.28 7.24
N MET A 106 -6.18 21.37 5.93
N MET A 106 -6.14 21.36 5.91
CA MET A 106 -6.15 22.64 5.23
CA MET A 106 -6.08 22.61 5.16
C MET A 106 -7.09 22.59 4.03
C MET A 106 -7.13 22.57 4.05
N THR A 107 -7.84 23.67 3.84
CA THR A 107 -8.76 23.78 2.71
C THR A 107 -8.36 24.98 1.86
N LEU A 108 -8.28 24.76 0.54
CA LEU A 108 -7.70 25.72 -0.39
C LEU A 108 -8.44 25.73 -1.71
N GLY A 109 -8.29 26.84 -2.44
CA GLY A 109 -8.96 27.00 -3.72
C GLY A 109 -8.15 27.88 -4.62
N ILE A 110 -8.27 27.66 -5.92
CA ILE A 110 -7.65 28.52 -6.93
C ILE A 110 -8.12 29.95 -6.71
N SER A 111 -7.18 30.90 -6.77
CA SER A 111 -7.52 32.31 -6.70
C SER A 111 -6.61 33.12 -7.62
N ILE A 112 -6.64 34.45 -7.50
CA ILE A 112 -5.89 35.32 -8.40
C ILE A 112 -4.82 36.13 -7.65
N LEU A 113 -3.60 36.09 -8.17
CA LEU A 113 -2.51 36.92 -7.67
C LEU A 113 -2.28 38.09 -8.64
N TYR A 114 -2.36 39.31 -8.12
CA TYR A 114 -2.26 40.53 -8.93
C TYR A 114 -1.71 41.69 -8.09
N ARG A 115 -1.54 42.85 -8.72
CA ARG A 115 -1.03 44.03 -8.03
C ARG A 115 -2.09 44.75 -7.20
N LYS A 116 -1.64 45.51 -6.20
CA LYS A 116 -2.51 46.35 -5.39
C LYS A 116 -2.91 47.63 -6.13
N GLY A 117 -4.12 48.12 -5.86
CA GLY A 117 -4.56 49.44 -6.32
C GLY A 117 -5.31 49.51 -7.65
N THR A 118 -5.71 48.36 -8.18
CA THR A 118 -6.46 48.32 -9.43
C THR A 118 -7.95 48.05 -9.18
N PRO A 119 -8.83 48.49 -10.10
CA PRO A 119 -10.27 48.22 -9.99
C PRO A 119 -10.67 46.74 -10.12
N ILE A 120 -9.72 45.88 -10.47
CA ILE A 120 -9.96 44.44 -10.63
C ILE A 120 -10.28 43.80 -9.27
N ASP A 121 -11.40 43.08 -9.22
CA ASP A 121 -11.93 42.54 -7.96
C ASP A 121 -12.35 41.07 -8.05
N SER A 122 -12.35 40.51 -9.27
CA SER A 122 -12.79 39.12 -9.48
C SER A 122 -12.28 38.50 -10.79
N ALA A 123 -12.58 37.22 -10.96
CA ALA A 123 -12.26 36.48 -12.20
C ALA A 123 -13.11 36.98 -13.37
N ASP A 124 -14.33 37.40 -13.07
CA ASP A 124 -15.23 38.01 -14.07
C ASP A 124 -14.64 39.29 -14.65
N ASP A 125 -13.93 40.04 -13.82
CA ASP A 125 -13.26 41.27 -14.25
C ASP A 125 -12.12 40.99 -15.25
N LEU A 126 -11.40 39.89 -15.04
CA LEU A 126 -10.35 39.47 -15.97
C LEU A 126 -10.91 38.88 -17.25
N ALA A 127 -11.94 38.03 -17.11
CA ALA A 127 -12.55 37.31 -18.23
C ALA A 127 -13.05 38.20 -19.37
N LYS A 128 -13.64 39.35 -19.02
CA LYS A 128 -14.28 40.22 -20.00
C LYS A 128 -13.36 41.28 -20.61
N GLN A 129 -12.06 41.11 -20.44
CA GLN A 129 -11.06 42.00 -21.06
C GLN A 129 -9.80 41.25 -21.51
N THR A 130 -8.96 41.94 -22.29
CA THR A 130 -7.78 41.33 -22.90
C THR A 130 -6.50 42.14 -22.67
N LYS A 131 -6.65 43.38 -22.23
CA LYS A 131 -5.51 44.26 -21.92
C LYS A 131 -4.62 43.67 -20.82
N ILE A 132 -5.22 43.29 -19.70
CA ILE A 132 -4.53 42.62 -18.62
C ILE A 132 -4.49 41.12 -18.94
N GLU A 133 -3.29 40.60 -19.18
CA GLU A 133 -3.14 39.19 -19.49
C GLU A 133 -3.16 38.36 -18.22
N TYR A 134 -3.68 37.14 -18.32
CA TYR A 134 -3.77 36.23 -17.18
C TYR A 134 -3.55 34.79 -17.62
N GLY A 135 -3.09 33.95 -16.69
CA GLY A 135 -2.83 32.54 -16.98
C GLY A 135 -2.47 31.71 -15.76
N ALA A 136 -1.94 30.52 -16.02
CA ALA A 136 -1.56 29.58 -14.96
C ALA A 136 -0.25 28.86 -15.31
N VAL A 137 0.30 28.13 -14.34
CA VAL A 137 1.45 27.26 -14.58
C VAL A 137 1.03 26.16 -15.57
N ARG A 138 1.85 25.96 -16.60
CA ARG A 138 1.55 24.96 -17.62
C ARG A 138 1.48 23.54 -17.04
N ASP A 139 0.39 22.85 -17.35
CA ASP A 139 0.18 21.43 -16.99
C ASP A 139 0.03 21.15 -15.48
N GLY A 140 -0.26 22.19 -14.71
CA GLY A 140 -0.51 22.05 -13.28
C GLY A 140 -1.98 21.85 -13.02
N SER A 141 -2.34 21.68 -11.75
CA SER A 141 -3.73 21.46 -11.35
C SER A 141 -4.63 22.62 -11.73
N THR A 142 -4.11 23.85 -11.57
CA THR A 142 -4.89 25.05 -11.86
C THR A 142 -5.21 25.19 -13.34
N MET A 143 -4.23 24.93 -14.20
CA MET A 143 -4.46 24.95 -15.65
C MET A 143 -5.48 23.87 -16.03
N THR A 144 -5.31 22.67 -15.46
CA THR A 144 -6.19 21.53 -15.73
C THR A 144 -7.64 21.82 -15.33
N PHE A 145 -7.83 22.51 -14.19
CA PHE A 145 -9.15 22.95 -13.76
C PHE A 145 -9.85 23.73 -14.88
N PHE A 146 -9.21 24.79 -15.35
CA PHE A 146 -9.77 25.64 -16.41
C PHE A 146 -10.00 24.85 -17.70
N LYS A 147 -9.14 23.88 -17.96
CA LYS A 147 -9.25 23.03 -19.16
C LYS A 147 -10.48 22.12 -19.10
N LYS A 148 -10.82 21.65 -17.90
CA LYS A 148 -11.95 20.73 -17.72
C LYS A 148 -13.27 21.41 -17.38
N SER A 149 -13.21 22.70 -17.03
CA SER A 149 -14.39 23.42 -16.53
C SER A 149 -15.46 23.62 -17.60
N LYS A 150 -16.72 23.46 -17.18
CA LYS A 150 -17.87 23.68 -18.05
C LYS A 150 -18.60 24.98 -17.70
N ILE A 151 -18.13 25.64 -16.64
CA ILE A 151 -18.61 26.97 -16.25
C ILE A 151 -18.19 27.99 -17.31
N SER A 152 -19.17 28.74 -17.81
CA SER A 152 -18.97 29.62 -18.97
C SER A 152 -17.85 30.65 -18.82
N THR A 153 -17.81 31.31 -17.66
CA THR A 153 -16.77 32.32 -17.38
C THR A 153 -15.35 31.73 -17.29
N TYR A 154 -15.23 30.47 -16.89
CA TYR A 154 -13.93 29.80 -16.85
C TYR A 154 -13.58 29.15 -18.19
N GLU A 155 -14.60 28.87 -19.00
CA GLU A 155 -14.39 28.43 -20.38
C GLU A 155 -13.82 29.56 -21.23
N LYS A 156 -14.33 30.77 -21.01
CA LYS A 156 -13.84 31.97 -21.69
C LYS A 156 -12.42 32.29 -21.22
N MET A 157 -12.17 32.09 -19.94
CA MET A 157 -10.84 32.27 -19.36
C MET A 157 -9.84 31.25 -19.89
N TRP A 158 -10.28 30.01 -20.05
CA TRP A 158 -9.44 28.97 -20.66
C TRP A 158 -9.16 29.24 -22.13
N ALA A 159 -10.18 29.74 -22.84
CA ALA A 159 -10.04 30.13 -24.25
C ALA A 159 -8.91 31.14 -24.42
N PHE A 160 -8.89 32.16 -23.55
CA PHE A 160 -7.86 33.19 -23.57
C PHE A 160 -6.47 32.64 -23.24
N MET A 161 -6.41 31.76 -22.24
CA MET A 161 -5.15 31.14 -21.80
C MET A 161 -4.57 30.19 -22.85
N SER A 162 -5.45 29.43 -23.50
CA SER A 162 -5.03 28.43 -24.50
C SER A 162 -4.62 29.09 -25.82
N SER A 163 -5.31 30.15 -26.22
CA SER A 163 -5.02 30.85 -27.47
C SER A 163 -3.74 31.68 -27.37
N ARG A 164 -3.48 32.19 -26.16
CA ARG A 164 -2.26 32.93 -25.87
C ARG A 164 -1.28 32.00 -25.15
N GLN A 165 -1.26 30.74 -25.59
CA GLN A 165 -0.54 29.64 -24.95
C GLN A 165 0.90 29.97 -24.56
N GLN A 166 1.68 30.47 -25.52
CA GLN A 166 3.11 30.75 -25.36
C GLN A 166 3.43 31.69 -24.22
N SER A 167 2.61 32.72 -24.06
CA SER A 167 2.88 33.79 -23.11
C SER A 167 2.03 33.70 -21.85
N ALA A 168 0.73 33.45 -22.02
CA ALA A 168 -0.21 33.41 -20.89
C ALA A 168 0.12 32.34 -19.86
N LEU A 169 0.58 31.18 -20.34
CA LEU A 169 0.95 30.08 -19.44
C LEU A 169 2.46 30.09 -19.13
N VAL A 170 2.79 29.96 -17.85
CA VAL A 170 4.18 30.03 -17.39
C VAL A 170 4.75 28.64 -17.08
N LYS A 171 6.06 28.56 -16.93
CA LYS A 171 6.75 27.28 -16.66
C LYS A 171 6.53 26.81 -15.22
N ASN A 172 6.61 27.74 -14.27
CA ASN A 172 6.44 27.44 -12.85
C ASN A 172 5.91 28.63 -12.06
N SER A 173 5.59 28.41 -10.79
CA SER A 173 5.07 29.45 -9.90
C SER A 173 6.03 30.63 -9.75
N ASP A 174 7.33 30.34 -9.62
CA ASP A 174 8.37 31.37 -9.51
C ASP A 174 8.40 32.29 -10.74
N GLU A 175 8.27 31.70 -11.93
CA GLU A 175 8.18 32.45 -13.18
C GLU A 175 6.93 33.32 -13.22
N GLY A 176 5.80 32.75 -12.80
CA GLY A 176 4.52 33.45 -12.78
C GLY A 176 4.50 34.65 -11.86
N ILE A 177 5.10 34.51 -10.68
CA ILE A 177 5.23 35.61 -9.73
C ILE A 177 6.07 36.75 -10.34
N GLN A 178 7.17 36.38 -11.00
CA GLN A 178 8.03 37.34 -11.69
C GLN A 178 7.28 38.06 -12.81
N ARG A 179 6.41 37.32 -13.50
CA ARG A 179 5.55 37.88 -14.56
C ARG A 179 4.54 38.86 -13.99
N VAL A 180 4.00 38.54 -12.82
CA VAL A 180 3.11 39.44 -12.08
C VAL A 180 3.86 40.71 -11.68
N LEU A 181 5.08 40.55 -11.17
CA LEU A 181 5.90 41.68 -10.69
C LEU A 181 6.44 42.59 -11.78
N THR A 182 6.62 42.05 -12.99
CA THR A 182 7.27 42.80 -14.08
C THR A 182 6.33 43.23 -15.20
N THR A 183 5.30 42.43 -15.47
CA THR A 183 4.33 42.70 -16.55
C THR A 183 2.92 42.94 -15.99
N ASP A 184 2.03 43.45 -16.85
CA ASP A 184 0.61 43.58 -16.53
C ASP A 184 -0.06 42.20 -16.60
N TYR A 185 0.12 41.41 -15.54
CA TYR A 185 -0.24 40.00 -15.55
C TYR A 185 -0.84 39.59 -14.21
N ALA A 186 -1.88 38.77 -14.28
CA ALA A 186 -2.49 38.16 -13.10
C ALA A 186 -2.29 36.66 -13.16
N LEU A 187 -1.79 36.08 -12.07
CA LEU A 187 -1.54 34.65 -12.01
C LEU A 187 -2.66 33.93 -11.26
N LEU A 188 -3.17 32.87 -11.87
CA LEU A 188 -4.13 31.97 -11.23
C LEU A 188 -3.36 30.87 -10.51
N MET A 189 -3.54 30.81 -9.19
CA MET A 189 -2.78 29.89 -8.35
C MET A 189 -3.56 29.54 -7.07
N GLU A 190 -3.10 28.52 -6.36
CA GLU A 190 -3.77 28.11 -5.13
C GLU A 190 -3.70 29.19 -4.05
N SER A 191 -4.82 29.37 -3.34
CA SER A 191 -4.96 30.37 -2.29
C SER A 191 -3.86 30.32 -1.24
N THR A 192 -3.46 29.10 -0.86
CA THR A 192 -2.34 28.91 0.06
C THR A 192 -1.06 29.60 -0.43
N SER A 193 -0.74 29.38 -1.71
CA SER A 193 0.45 29.96 -2.32
C SER A 193 0.38 31.48 -2.43
N ILE A 194 -0.79 31.99 -2.77
CA ILE A 194 -1.02 33.44 -2.83
C ILE A 194 -0.79 34.08 -1.46
N GLU A 195 -1.35 33.46 -0.41
CA GLU A 195 -1.19 33.94 0.96
C GLU A 195 0.29 33.99 1.33
N TYR A 196 1.03 32.93 0.97
CA TYR A 196 2.46 32.84 1.27
C TYR A 196 3.25 33.94 0.57
N VAL A 197 2.93 34.16 -0.70
CA VAL A 197 3.60 35.16 -1.54
C VAL A 197 3.27 36.61 -1.12
N THR A 198 1.99 36.89 -0.88
CA THR A 198 1.56 38.24 -0.50
C THR A 198 2.11 38.70 0.87
N GLN A 199 2.35 37.73 1.75
CA GLN A 199 3.02 38.03 3.02
C GLN A 199 4.46 38.47 2.80
N ARG A 200 5.03 38.09 1.65
CA ARG A 200 6.44 38.34 1.34
C ARG A 200 6.64 39.41 0.26
N ASN A 201 5.54 39.77 -0.41
CA ASN A 201 5.53 40.85 -1.40
C ASN A 201 4.40 41.84 -1.11
N CYS A 202 4.76 43.01 -0.60
CA CYS A 202 3.77 44.02 -0.21
C CYS A 202 3.09 44.70 -1.40
N ASN A 203 3.68 44.56 -2.58
CA ASN A 203 3.11 45.12 -3.81
C ASN A 203 2.06 44.20 -4.43
N LEU A 204 2.00 42.96 -3.94
CA LEU A 204 1.11 41.94 -4.47
C LEU A 204 -0.10 41.69 -3.57
N THR A 205 -1.22 41.30 -4.18
CA THR A 205 -2.44 41.01 -3.42
C THR A 205 -3.27 39.90 -4.07
N GLN A 206 -4.15 39.30 -3.26
CA GLN A 206 -5.13 38.35 -3.76
C GLN A 206 -6.31 39.13 -4.36
N ILE A 207 -6.83 38.63 -5.47
CA ILE A 207 -7.99 39.22 -6.12
C ILE A 207 -9.17 38.25 -6.08
N GLY A 208 -10.25 38.68 -5.44
CA GLY A 208 -11.46 37.88 -5.34
C GLY A 208 -11.32 36.75 -4.35
N GLY A 209 -12.25 35.80 -4.42
CA GLY A 209 -12.25 34.64 -3.53
C GLY A 209 -11.77 33.37 -4.19
N LEU A 210 -12.24 32.24 -3.68
CA LEU A 210 -11.83 30.94 -4.18
C LEU A 210 -12.62 30.53 -5.42
N ILE A 211 -11.90 30.08 -6.45
CA ILE A 211 -12.52 29.63 -7.69
C ILE A 211 -12.95 28.15 -7.64
N ASP A 212 -12.21 27.33 -6.89
CA ASP A 212 -12.65 25.96 -6.58
C ASP A 212 -12.38 25.63 -5.10
N SER A 213 -12.51 24.35 -4.73
CA SER A 213 -12.26 23.95 -3.34
C SER A 213 -11.70 22.55 -3.27
N LYS A 214 -10.71 22.35 -2.41
CA LYS A 214 -10.17 21.02 -2.14
C LYS A 214 -9.48 21.06 -0.79
N GLY A 215 -9.16 19.88 -0.26
CA GLY A 215 -8.47 19.78 1.00
C GLY A 215 -7.21 18.94 0.93
N TYR A 216 -6.25 19.28 1.79
CA TYR A 216 -5.09 18.43 2.04
C TYR A 216 -5.41 17.53 3.22
N GLY A 217 -5.17 16.24 3.07
CA GLY A 217 -5.43 15.30 4.15
C GLY A 217 -4.24 14.39 4.36
N VAL A 218 -4.21 13.72 5.50
CA VAL A 218 -3.14 12.74 5.73
C VAL A 218 -3.53 11.42 5.03
N GLY A 219 -2.64 10.92 4.18
CA GLY A 219 -2.90 9.67 3.45
C GLY A 219 -2.52 8.46 4.27
N THR A 220 -3.29 7.38 4.13
CA THR A 220 -2.99 6.11 4.75
C THR A 220 -3.34 4.99 3.76
N PRO A 221 -2.83 3.77 4.00
CA PRO A 221 -3.32 2.66 3.19
C PRO A 221 -4.80 2.43 3.49
N ILE A 222 -5.50 1.86 2.52
CA ILE A 222 -6.91 1.52 2.72
C ILE A 222 -7.05 0.64 3.96
N GLY A 223 -7.96 1.01 4.86
CA GLY A 223 -8.23 0.23 6.06
C GLY A 223 -7.37 0.58 7.27
N SER A 224 -6.42 1.50 7.12
CA SER A 224 -5.56 1.88 8.24
C SER A 224 -6.36 2.31 9.47
N PRO A 225 -6.02 1.74 10.64
CA PRO A 225 -6.68 2.14 11.88
C PRO A 225 -6.24 3.51 12.39
N TYR A 226 -5.29 4.15 11.71
CA TYR A 226 -4.84 5.50 12.09
C TYR A 226 -5.65 6.63 11.47
N ARG A 227 -6.37 6.33 10.39
CA ARG A 227 -7.05 7.39 9.62
C ARG A 227 -8.06 8.18 10.46
N ASP A 228 -9.00 7.48 11.08
CA ASP A 228 -10.02 8.16 11.88
C ASP A 228 -9.42 8.82 13.13
N LYS A 229 -8.39 8.21 13.71
CA LYS A 229 -7.69 8.83 14.86
C LYS A 229 -7.06 10.15 14.44
N ILE A 230 -6.48 10.17 13.24
CA ILE A 230 -5.84 11.38 12.74
C ILE A 230 -6.88 12.47 12.44
N THR A 231 -8.02 12.06 11.89
CA THR A 231 -9.14 13.00 11.72
C THR A 231 -9.48 13.68 13.07
N ILE A 232 -9.63 12.86 14.11
N ILE A 232 -9.61 12.88 14.11
CA ILE A 232 -9.97 13.35 15.45
CA ILE A 232 -10.01 13.42 15.42
C ILE A 232 -8.95 14.35 15.98
C ILE A 232 -8.94 14.36 16.00
N ALA A 233 -7.67 14.00 15.82
CA ALA A 233 -6.57 14.87 16.23
C ALA A 233 -6.60 16.19 15.45
N ILE A 234 -6.82 16.09 14.14
CA ILE A 234 -6.94 17.28 13.30
C ILE A 234 -8.09 18.19 13.77
N LEU A 235 -9.24 17.60 14.07
CA LEU A 235 -10.38 18.39 14.58
C LEU A 235 -10.06 19.10 15.91
N GLN A 236 -9.37 18.39 16.80
N GLN A 236 -9.38 18.37 16.81
CA GLN A 236 -8.93 19.00 18.07
CA GLN A 236 -8.87 18.96 18.05
C GLN A 236 -7.97 20.18 17.84
C GLN A 236 -8.03 20.20 17.75
N LEU A 237 -7.00 20.01 16.94
CA LEU A 237 -6.05 21.06 16.60
C LEU A 237 -6.74 22.25 15.96
N GLN A 238 -7.71 21.95 15.09
CA GLN A 238 -8.53 22.98 14.43
C GLN A 238 -9.28 23.79 15.47
N GLU A 239 -10.02 23.10 16.33
CA GLU A 239 -10.90 23.77 17.29
C GLU A 239 -10.16 24.52 18.38
N GLU A 240 -9.00 24.01 18.77
N GLU A 240 -8.98 24.00 18.76
CA GLU A 240 -8.20 24.66 19.82
CA GLU A 240 -8.15 24.61 19.80
C GLU A 240 -7.23 25.73 19.27
C GLU A 240 -7.36 25.82 19.29
N GLY A 241 -7.38 26.04 17.99
CA GLY A 241 -6.66 27.16 17.35
C GLY A 241 -5.23 26.86 16.99
N LYS A 242 -4.85 25.59 17.08
CA LYS A 242 -3.47 25.18 16.85
C LYS A 242 -3.09 25.13 15.39
N LEU A 243 -4.04 24.75 14.52
CA LEU A 243 -3.80 24.78 13.09
C LEU A 243 -3.60 26.22 12.60
N HIS A 244 -4.36 27.14 13.19
CA HIS A 244 -4.20 28.57 12.91
C HIS A 244 -2.78 29.00 13.30
N MET A 245 -2.38 28.61 14.51
CA MET A 245 -1.06 28.96 15.04
C MET A 245 0.07 28.42 14.16
N MET A 246 -0.06 27.16 13.71
N MET A 246 -0.07 27.17 13.72
CA MET A 246 0.94 26.54 12.85
CA MET A 246 0.92 26.53 12.86
C MET A 246 0.99 27.18 11.47
C MET A 246 0.99 27.17 11.47
N LYS A 247 -0.17 27.56 10.93
CA LYS A 247 -0.21 28.27 9.65
C LYS A 247 0.46 29.64 9.79
N GLU A 248 0.11 30.37 10.85
N GLU A 248 0.11 30.37 10.84
CA GLU A 248 0.70 31.68 11.14
CA GLU A 248 0.71 31.68 11.13
C GLU A 248 2.22 31.64 11.32
C GLU A 248 2.22 31.59 11.24
N LYS A 249 2.71 30.60 11.98
CA LYS A 249 4.15 30.40 12.16
C LYS A 249 4.90 30.40 10.82
N TRP A 250 4.36 29.66 9.85
CA TRP A 250 5.06 29.45 8.58
C TRP A 250 4.71 30.45 7.49
N TRP A 251 3.50 30.99 7.53
CA TRP A 251 3.02 31.89 6.48
C TRP A 251 3.38 33.36 6.69
N ARG A 252 3.32 33.84 7.93
CA ARG A 252 3.49 35.28 8.18
C ARG A 252 4.84 35.82 7.73
N GLY A 253 4.81 36.95 7.02
CA GLY A 253 6.02 37.55 6.46
C GLY A 253 6.65 38.58 7.37
N ASN A 254 7.64 39.30 6.85
CA ASN A 254 8.37 40.34 7.57
C ASN A 254 7.47 41.46 8.06
N ARG B 4 -10.03 -12.40 -24.59
CA ARG B 4 -10.38 -13.37 -23.52
C ARG B 4 -10.02 -12.81 -22.14
N THR B 5 -11.03 -12.40 -21.38
CA THR B 5 -10.83 -12.10 -19.96
C THR B 5 -10.68 -13.42 -19.24
N LEU B 6 -9.52 -13.62 -18.62
CA LEU B 6 -9.24 -14.87 -17.92
C LEU B 6 -9.99 -14.94 -16.60
N ILE B 7 -10.61 -16.09 -16.34
CA ILE B 7 -11.21 -16.33 -15.04
C ILE B 7 -10.15 -16.93 -14.13
N VAL B 8 -9.94 -16.30 -12.98
CA VAL B 8 -8.92 -16.74 -12.04
C VAL B 8 -9.60 -17.27 -10.80
N THR B 9 -9.45 -18.57 -10.55
CA THR B 9 -9.96 -19.16 -9.32
C THR B 9 -8.95 -18.93 -8.20
N THR B 10 -9.46 -18.64 -7.00
CA THR B 10 -8.60 -18.45 -5.84
C THR B 10 -9.39 -18.79 -4.58
N ILE B 11 -8.77 -18.53 -3.43
CA ILE B 11 -9.34 -18.96 -2.15
C ILE B 11 -8.96 -17.93 -1.09
N LEU B 12 -9.89 -17.62 -0.18
CA LEU B 12 -9.56 -16.73 0.93
C LEU B 12 -8.52 -17.38 1.85
N GLU B 13 -7.38 -16.71 2.04
CA GLU B 13 -6.30 -17.24 2.85
C GLU B 13 -5.31 -16.13 3.17
N GLU B 14 -5.27 -15.70 4.43
CA GLU B 14 -4.37 -14.62 4.85
C GLU B 14 -2.89 -15.07 4.78
N PRO B 15 -2.00 -14.21 4.24
CA PRO B 15 -2.18 -12.89 3.63
C PRO B 15 -2.25 -12.94 2.10
N TYR B 16 -2.56 -14.10 1.54
CA TYR B 16 -2.57 -14.29 0.09
C TYR B 16 -3.78 -13.64 -0.59
N VAL B 17 -4.95 -13.85 -0.01
CA VAL B 17 -6.21 -13.36 -0.58
C VAL B 17 -7.16 -13.02 0.54
N MET B 18 -7.52 -11.74 0.62
N MET B 18 -7.55 -11.75 0.59
CA MET B 18 -8.46 -11.26 1.62
CA MET B 18 -8.42 -11.24 1.65
C MET B 18 -9.40 -10.24 1.00
C MET B 18 -9.34 -10.16 1.08
N TYR B 19 -10.55 -10.04 1.63
CA TYR B 19 -11.41 -8.91 1.32
C TYR B 19 -10.75 -7.66 1.92
N ARG B 20 -10.77 -6.56 1.17
CA ARG B 20 -10.22 -5.28 1.65
C ARG B 20 -11.07 -4.76 2.81
N LYS B 21 -10.42 -4.17 3.82
CA LYS B 21 -11.14 -3.60 4.96
C LYS B 21 -11.65 -2.23 4.55
N SER B 22 -12.71 -2.22 3.77
CA SER B 22 -13.25 -0.98 3.23
C SER B 22 -14.73 -1.13 2.88
N ASP B 23 -15.49 -0.05 3.11
CA ASP B 23 -16.87 0.06 2.63
C ASP B 23 -16.97 1.00 1.43
N LYS B 24 -15.82 1.36 0.85
CA LYS B 24 -15.81 2.17 -0.38
C LYS B 24 -16.41 1.35 -1.53
N PRO B 25 -16.88 2.00 -2.61
CA PRO B 25 -17.47 1.26 -3.72
C PRO B 25 -16.39 0.54 -4.51
N LEU B 26 -16.11 -0.68 -4.09
CA LEU B 26 -15.11 -1.53 -4.73
C LEU B 26 -15.85 -2.69 -5.38
N TYR B 27 -15.56 -2.93 -6.66
CA TYR B 27 -16.25 -3.96 -7.41
C TYR B 27 -15.24 -4.91 -8.02
N GLY B 28 -15.70 -6.11 -8.34
CA GLY B 28 -14.87 -7.08 -9.05
C GLY B 28 -13.56 -7.36 -8.33
N ASN B 29 -12.46 -7.27 -9.07
CA ASN B 29 -11.14 -7.55 -8.52
C ASN B 29 -10.74 -6.63 -7.37
N ASP B 30 -11.30 -5.42 -7.36
CA ASP B 30 -10.94 -4.38 -6.39
C ASP B 30 -11.42 -4.67 -4.97
N ARG B 31 -12.28 -5.67 -4.84
CA ARG B 31 -12.80 -6.11 -3.54
C ARG B 31 -11.74 -6.85 -2.73
N PHE B 32 -10.68 -7.31 -3.40
CA PHE B 32 -9.67 -8.20 -2.81
C PHE B 32 -8.32 -7.52 -2.70
N GLU B 33 -7.51 -8.01 -1.75
CA GLU B 33 -6.12 -7.60 -1.60
C GLU B 33 -5.32 -8.81 -1.11
N GLY B 34 -4.00 -8.71 -1.20
CA GLY B 34 -3.14 -9.77 -0.68
C GLY B 34 -2.02 -10.10 -1.64
N TYR B 35 -1.09 -10.93 -1.17
CA TYR B 35 0.06 -11.30 -1.98
C TYR B 35 -0.34 -11.81 -3.37
N CYS B 36 -1.36 -12.67 -3.42
CA CYS B 36 -1.74 -13.29 -4.70
C CYS B 36 -2.43 -12.28 -5.61
N LEU B 37 -3.08 -11.27 -5.03
CA LEU B 37 -3.69 -10.23 -5.84
C LEU B 37 -2.60 -9.35 -6.46
N ASP B 38 -1.57 -9.07 -5.67
CA ASP B 38 -0.41 -8.32 -6.17
C ASP B 38 0.31 -9.11 -7.24
N LEU B 39 0.51 -10.42 -7.01
CA LEU B 39 1.15 -11.27 -8.01
C LEU B 39 0.35 -11.28 -9.31
N LEU B 40 -0.96 -11.46 -9.18
CA LEU B 40 -1.85 -11.50 -10.33
C LEU B 40 -1.78 -10.21 -11.11
N LYS B 41 -1.77 -9.07 -10.41
CA LYS B 41 -1.63 -7.80 -11.09
C LYS B 41 -0.33 -7.72 -11.91
N GLU B 42 0.79 -8.15 -11.30
CA GLU B 42 2.07 -8.16 -11.99
C GLU B 42 2.06 -9.09 -13.21
N LEU B 43 1.47 -10.28 -13.05
CA LEU B 43 1.35 -11.22 -14.17
C LEU B 43 0.53 -10.62 -15.30
N SER B 44 -0.57 -9.95 -14.95
N SER B 44 -0.57 -9.95 -14.95
CA SER B 44 -1.44 -9.35 -15.97
CA SER B 44 -1.47 -9.33 -15.93
C SER B 44 -0.70 -8.28 -16.76
C SER B 44 -0.78 -8.22 -16.73
N ASN B 45 0.12 -7.50 -16.09
CA ASN B 45 0.88 -6.43 -16.74
C ASN B 45 2.06 -6.91 -17.59
N ILE B 46 2.66 -8.04 -17.21
CA ILE B 46 3.73 -8.65 -18.01
C ILE B 46 3.17 -9.37 -19.23
N LEU B 47 2.13 -10.18 -19.03
CA LEU B 47 1.55 -10.99 -20.10
C LEU B 47 0.57 -10.20 -20.97
N GLY B 48 -0.07 -9.19 -20.38
CA GLY B 48 -1.08 -8.41 -21.07
C GLY B 48 -2.42 -9.12 -21.14
N PHE B 49 -2.95 -9.51 -19.99
CA PHE B 49 -4.30 -10.07 -19.96
C PHE B 49 -5.27 -9.31 -19.05
N LEU B 50 -6.55 -9.40 -19.39
CA LEU B 50 -7.61 -8.96 -18.49
C LEU B 50 -8.02 -10.17 -17.67
N TYR B 51 -8.49 -9.94 -16.45
CA TYR B 51 -8.88 -11.06 -15.59
C TYR B 51 -10.02 -10.73 -14.65
N ASP B 52 -10.65 -11.79 -14.15
CA ASP B 52 -11.82 -11.71 -13.30
C ASP B 52 -11.58 -12.73 -12.21
N VAL B 53 -11.43 -12.25 -10.97
CA VAL B 53 -11.13 -13.13 -9.84
C VAL B 53 -12.44 -13.68 -9.30
N LYS B 54 -12.50 -15.01 -9.17
N LYS B 54 -12.50 -15.01 -9.20
CA LYS B 54 -13.69 -15.68 -8.65
CA LYS B 54 -13.65 -15.70 -8.64
C LYS B 54 -13.30 -16.68 -7.55
C LYS B 54 -13.20 -16.61 -7.52
N LEU B 55 -13.78 -16.42 -6.33
CA LEU B 55 -13.51 -17.31 -5.19
C LEU B 55 -14.09 -18.70 -5.49
N VAL B 56 -13.31 -19.74 -5.22
CA VAL B 56 -13.74 -21.12 -5.50
C VAL B 56 -15.01 -21.40 -4.69
N PRO B 57 -16.11 -21.78 -5.39
CA PRO B 57 -17.42 -21.94 -4.74
C PRO B 57 -17.43 -22.84 -3.50
N ASP B 58 -16.71 -23.96 -3.55
CA ASP B 58 -16.71 -24.90 -2.42
C ASP B 58 -15.67 -24.60 -1.34
N GLY B 59 -14.86 -23.57 -1.57
CA GLY B 59 -13.84 -23.12 -0.62
C GLY B 59 -12.73 -24.13 -0.36
N LYS B 60 -12.45 -24.98 -1.35
CA LYS B 60 -11.46 -26.05 -1.20
C LYS B 60 -10.25 -25.83 -2.12
N TYR B 61 -9.09 -26.33 -1.72
CA TYR B 61 -7.89 -26.27 -2.55
C TYR B 61 -8.01 -27.23 -3.74
N GLY B 62 -8.30 -28.49 -3.44
CA GLY B 62 -8.43 -29.48 -4.49
C GLY B 62 -7.83 -30.81 -4.14
N ALA B 63 -8.72 -31.77 -3.91
CA ALA B 63 -8.35 -33.14 -3.59
C ALA B 63 -9.27 -34.10 -4.34
N GLN B 64 -8.86 -35.36 -4.38
CA GLN B 64 -9.51 -36.38 -5.18
C GLN B 64 -10.29 -37.37 -4.31
N ASN B 65 -11.43 -37.86 -4.80
CA ASN B 65 -12.14 -38.97 -4.15
C ASN B 65 -11.84 -40.33 -4.82
N ASP B 66 -12.48 -41.38 -4.33
N ASP B 66 -12.47 -41.38 -4.30
CA ASP B 66 -12.21 -42.75 -4.77
CA ASP B 66 -12.25 -42.75 -4.76
C ASP B 66 -12.69 -43.08 -6.19
C ASP B 66 -12.53 -42.96 -6.25
N LYS B 67 -13.48 -42.18 -6.77
CA LYS B 67 -13.93 -42.31 -8.16
C LYS B 67 -13.09 -41.47 -9.11
N GLY B 68 -12.08 -40.80 -8.56
CA GLY B 68 -11.21 -39.94 -9.34
C GLY B 68 -11.81 -38.55 -9.55
N GLU B 69 -12.83 -38.22 -8.76
CA GLU B 69 -13.49 -36.94 -8.86
C GLU B 69 -12.80 -35.89 -7.99
N TRP B 70 -12.52 -34.74 -8.59
CA TRP B 70 -11.81 -33.66 -7.90
C TRP B 70 -12.77 -32.60 -7.38
N ASN B 71 -12.29 -31.81 -6.42
CA ASN B 71 -13.02 -30.64 -5.93
C ASN B 71 -12.14 -29.39 -5.96
N GLY B 72 -12.63 -28.31 -5.37
CA GLY B 72 -11.84 -27.10 -5.20
C GLY B 72 -11.34 -26.43 -6.47
N MET B 73 -10.25 -25.67 -6.32
CA MET B 73 -9.67 -24.94 -7.46
C MET B 73 -9.23 -25.88 -8.58
N VAL B 74 -8.71 -27.04 -8.21
CA VAL B 74 -8.27 -28.04 -9.20
C VAL B 74 -9.46 -28.43 -10.08
N LYS B 75 -10.61 -28.68 -9.47
CA LYS B 75 -11.82 -29.02 -10.24
C LYS B 75 -12.25 -27.90 -11.19
N GLU B 76 -12.14 -26.64 -10.75
CA GLU B 76 -12.49 -25.50 -11.60
C GLU B 76 -11.62 -25.49 -12.85
N LEU B 77 -10.33 -25.80 -12.70
CA LEU B 77 -9.44 -25.87 -13.84
C LEU B 77 -9.80 -27.03 -14.77
N ILE B 78 -10.01 -28.21 -14.19
CA ILE B 78 -10.35 -29.42 -14.97
C ILE B 78 -11.61 -29.19 -15.80
N ASP B 79 -12.59 -28.52 -15.19
CA ASP B 79 -13.90 -28.25 -15.81
C ASP B 79 -13.89 -27.06 -16.78
N HIS B 80 -12.73 -26.42 -16.94
CA HIS B 80 -12.58 -25.23 -17.76
C HIS B 80 -13.48 -24.08 -17.28
N ARG B 81 -13.72 -24.01 -15.97
CA ARG B 81 -14.47 -22.89 -15.40
C ARG B 81 -13.53 -21.83 -14.81
N ALA B 82 -12.25 -22.10 -14.90
CA ALA B 82 -11.22 -21.10 -14.59
C ALA B 82 -10.07 -21.34 -15.54
N ASP B 83 -9.40 -20.25 -15.89
CA ASP B 83 -8.22 -20.30 -16.76
C ASP B 83 -6.94 -20.45 -15.94
N LEU B 84 -6.92 -19.81 -14.78
CA LEU B 84 -5.78 -19.87 -13.88
C LEU B 84 -6.25 -20.06 -12.46
N ALA B 85 -5.43 -20.74 -11.65
CA ALA B 85 -5.59 -20.74 -10.19
C ALA B 85 -4.40 -20.02 -9.58
N VAL B 86 -4.66 -18.90 -8.94
CA VAL B 86 -3.58 -18.13 -8.30
C VAL B 86 -3.86 -18.10 -6.81
N ALA B 87 -3.12 -18.91 -6.08
CA ALA B 87 -3.38 -19.17 -4.67
C ALA B 87 -2.13 -19.82 -4.06
N PRO B 88 -2.09 -19.94 -2.73
CA PRO B 88 -1.06 -20.77 -2.10
C PRO B 88 -1.39 -22.24 -2.39
N LEU B 89 -1.19 -22.65 -3.65
CA LEU B 89 -1.58 -23.99 -4.13
C LEU B 89 -0.33 -24.82 -4.43
N THR B 90 -0.17 -25.94 -3.73
CA THR B 90 1.05 -26.73 -3.84
C THR B 90 1.14 -27.51 -5.13
N ILE B 91 2.31 -27.42 -5.77
CA ILE B 91 2.61 -28.23 -6.95
C ILE B 91 2.90 -29.66 -6.46
N THR B 92 2.04 -30.61 -6.83
CA THR B 92 2.16 -31.99 -6.38
C THR B 92 2.05 -32.97 -7.54
N TYR B 93 2.65 -34.13 -7.35
CA TYR B 93 2.61 -35.23 -8.31
C TYR B 93 1.17 -35.54 -8.74
N VAL B 94 0.27 -35.72 -7.78
N VAL B 94 0.27 -35.73 -7.77
CA VAL B 94 -1.10 -36.11 -8.12
CA VAL B 94 -1.11 -36.10 -8.07
C VAL B 94 -1.86 -35.02 -8.89
C VAL B 94 -1.82 -35.02 -8.91
N ARG B 95 -1.61 -33.75 -8.56
CA ARG B 95 -2.27 -32.65 -9.26
C ARG B 95 -1.74 -32.48 -10.68
N GLU B 96 -0.45 -32.74 -10.88
CA GLU B 96 0.15 -32.65 -12.22
C GLU B 96 -0.40 -33.71 -13.19
N LYS B 97 -1.06 -34.75 -12.65
CA LYS B 97 -1.76 -35.73 -13.50
C LYS B 97 -2.97 -35.09 -14.20
N VAL B 98 -3.50 -34.01 -13.63
CA VAL B 98 -4.80 -33.48 -14.09
C VAL B 98 -4.85 -31.99 -14.47
N ILE B 99 -3.85 -31.24 -13.99
CA ILE B 99 -3.68 -29.82 -14.35
C ILE B 99 -2.19 -29.55 -14.58
N ASP B 100 -1.87 -28.40 -15.16
CA ASP B 100 -0.46 -27.96 -15.31
C ASP B 100 -0.18 -26.89 -14.26
N PHE B 101 1.09 -26.63 -13.99
CA PHE B 101 1.49 -25.59 -13.03
C PHE B 101 2.65 -24.80 -13.61
N SER B 102 2.65 -23.49 -13.38
CA SER B 102 3.87 -22.72 -13.58
C SER B 102 4.95 -23.20 -12.62
N LYS B 103 6.19 -22.83 -12.89
CA LYS B 103 7.25 -22.97 -11.90
C LYS B 103 6.89 -22.16 -10.65
N PRO B 104 7.48 -22.52 -9.50
CA PRO B 104 6.98 -21.93 -8.25
C PRO B 104 7.30 -20.46 -8.04
N PHE B 105 6.33 -19.72 -7.50
CA PHE B 105 6.59 -18.33 -7.10
C PHE B 105 6.99 -18.25 -5.63
N MET B 106 6.84 -19.36 -4.92
N MET B 106 6.80 -19.35 -4.91
CA MET B 106 7.22 -19.45 -3.52
CA MET B 106 7.15 -19.48 -3.50
C MET B 106 7.62 -20.88 -3.19
C MET B 106 7.64 -20.90 -3.23
N THR B 107 8.72 -21.04 -2.46
CA THR B 107 9.21 -22.36 -2.04
C THR B 107 9.24 -22.41 -0.52
N LEU B 108 8.69 -23.49 0.04
CA LEU B 108 8.43 -23.58 1.48
C LEU B 108 8.64 -24.99 1.99
N GLY B 109 8.85 -25.10 3.31
CA GLY B 109 9.09 -26.39 3.91
C GLY B 109 8.60 -26.40 5.34
N ILE B 110 8.24 -27.58 5.82
CA ILE B 110 7.86 -27.76 7.23
C ILE B 110 9.02 -27.31 8.09
N SER B 111 8.72 -26.56 9.15
CA SER B 111 9.73 -26.19 10.15
C SER B 111 9.11 -26.15 11.54
N ILE B 112 9.84 -25.61 12.51
CA ILE B 112 9.41 -25.63 13.91
C ILE B 112 9.18 -24.24 14.46
N LEU B 113 8.02 -24.03 15.07
CA LEU B 113 7.70 -22.80 15.78
C LEU B 113 7.81 -23.04 17.29
N TYR B 114 8.65 -22.25 17.95
CA TYR B 114 8.93 -22.40 19.38
C TYR B 114 9.32 -21.06 20.00
N ARG B 115 9.58 -21.05 21.30
CA ARG B 115 9.96 -19.83 22.01
C ARG B 115 11.43 -19.47 21.82
N LYS B 116 11.75 -18.19 22.01
CA LYS B 116 13.12 -17.69 21.98
C LYS B 116 13.86 -18.04 23.27
N GLY B 117 15.17 -18.25 23.17
CA GLY B 117 16.05 -18.38 24.34
C GLY B 117 16.31 -19.77 24.88
N THR B 118 15.90 -20.79 24.13
CA THR B 118 16.11 -22.18 24.55
C THR B 118 17.27 -22.83 23.77
N PRO B 119 17.93 -23.84 24.35
CA PRO B 119 19.01 -24.57 23.67
C PRO B 119 18.55 -25.40 22.45
N ILE B 120 17.24 -25.50 22.25
CA ILE B 120 16.67 -26.25 21.11
C ILE B 120 17.00 -25.56 19.78
N ASP B 121 17.55 -26.34 18.85
CA ASP B 121 18.08 -25.80 17.60
C ASP B 121 17.65 -26.60 16.36
N SER B 122 17.02 -27.76 16.56
CA SER B 122 16.61 -28.63 15.46
C SER B 122 15.51 -29.63 15.83
N ALA B 123 15.05 -30.38 14.83
CA ALA B 123 14.07 -31.44 15.02
C ALA B 123 14.66 -32.62 15.78
N ASP B 124 15.95 -32.85 15.59
CA ASP B 124 16.70 -33.87 16.34
C ASP B 124 16.69 -33.59 17.84
N ASP B 125 16.72 -32.31 18.19
CA ASP B 125 16.67 -31.88 19.59
C ASP B 125 15.33 -32.19 20.24
N LEU B 126 14.25 -32.05 19.48
CA LEU B 126 12.91 -32.40 19.96
C LEU B 126 12.69 -33.92 20.02
N ALA B 127 13.15 -34.61 18.98
CA ALA B 127 12.94 -36.05 18.83
C ALA B 127 13.46 -36.90 19.99
N LYS B 128 14.62 -36.52 20.53
CA LYS B 128 15.29 -37.31 21.56
C LYS B 128 14.90 -36.96 23.00
N GLN B 129 13.80 -36.22 23.16
CA GLN B 129 13.26 -35.90 24.48
C GLN B 129 11.72 -35.88 24.50
N THR B 130 11.16 -35.83 25.71
CA THR B 130 9.71 -35.93 25.91
C THR B 130 9.14 -34.81 26.78
N LYS B 131 10.02 -34.09 27.49
CA LYS B 131 9.62 -32.97 28.34
C LYS B 131 8.92 -31.87 27.55
N ILE B 132 9.55 -31.45 26.45
CA ILE B 132 8.95 -30.48 25.54
C ILE B 132 8.11 -31.21 24.51
N GLU B 133 6.81 -30.86 24.44
CA GLU B 133 5.88 -31.53 23.54
C GLU B 133 5.86 -30.86 22.18
N TYR B 134 5.60 -31.66 21.15
CA TYR B 134 5.58 -31.16 19.78
C TYR B 134 4.55 -31.89 18.93
N GLY B 135 3.97 -31.18 17.96
CA GLY B 135 2.97 -31.79 17.09
C GLY B 135 2.64 -30.94 15.88
N ALA B 136 1.55 -31.31 15.23
CA ALA B 136 1.07 -30.62 14.05
C ALA B 136 -0.44 -30.49 14.11
N VAL B 137 -1.01 -29.71 13.19
CA VAL B 137 -2.45 -29.64 13.01
C VAL B 137 -2.94 -31.01 12.56
N ARG B 138 -4.01 -31.49 13.20
CA ARG B 138 -4.57 -32.81 12.90
C ARG B 138 -5.05 -32.89 11.45
N ASP B 139 -4.60 -33.92 10.73
CA ASP B 139 -5.03 -34.24 9.37
C ASP B 139 -4.62 -33.23 8.29
N GLY B 140 -3.63 -32.40 8.61
CA GLY B 140 -3.08 -31.43 7.66
C GLY B 140 -1.89 -32.04 6.92
N SER B 141 -1.33 -31.28 5.99
CA SER B 141 -0.20 -31.75 5.19
C SER B 141 1.02 -32.08 6.05
N THR B 142 1.26 -31.27 7.08
CA THR B 142 2.42 -31.46 7.97
C THR B 142 2.30 -32.76 8.78
N MET B 143 1.12 -33.04 9.34
CA MET B 143 0.89 -34.29 10.05
C MET B 143 1.07 -35.48 9.11
N THR B 144 0.50 -35.37 7.91
CA THR B 144 0.56 -36.42 6.91
C THR B 144 2.01 -36.73 6.47
N PHE B 145 2.82 -35.69 6.34
CA PHE B 145 4.25 -35.86 6.07
C PHE B 145 4.89 -36.82 7.08
N PHE B 146 4.77 -36.48 8.36
CA PHE B 146 5.33 -37.30 9.44
C PHE B 146 4.74 -38.71 9.46
N LYS B 147 3.47 -38.83 9.07
CA LYS B 147 2.80 -40.13 9.02
C LYS B 147 3.35 -41.03 7.91
N LYS B 148 3.74 -40.42 6.80
CA LYS B 148 4.24 -41.16 5.64
C LYS B 148 5.77 -41.32 5.59
N SER B 149 6.47 -40.57 6.44
CA SER B 149 7.93 -40.51 6.39
C SER B 149 8.59 -41.83 6.81
N LYS B 150 9.66 -42.18 6.10
CA LYS B 150 10.45 -43.39 6.39
C LYS B 150 11.79 -43.01 7.02
N ILE B 151 12.05 -41.71 7.12
CA ILE B 151 13.23 -41.18 7.80
C ILE B 151 13.10 -41.44 9.31
N SER B 152 14.12 -42.08 9.89
CA SER B 152 14.06 -42.58 11.27
C SER B 152 13.71 -41.52 12.31
N THR B 153 14.35 -40.35 12.22
CA THR B 153 14.10 -39.26 13.17
C THR B 153 12.68 -38.68 13.09
N TYR B 154 12.06 -38.75 11.90
CA TYR B 154 10.68 -38.29 11.74
C TYR B 154 9.68 -39.40 12.05
N GLU B 155 10.13 -40.66 11.97
CA GLU B 155 9.33 -41.80 12.42
C GLU B 155 9.18 -41.78 13.93
N LYS B 156 10.27 -41.44 14.62
CA LYS B 156 10.27 -41.31 16.08
C LYS B 156 9.43 -40.11 16.51
N MET B 157 9.50 -39.03 15.72
CA MET B 157 8.68 -37.85 15.95
C MET B 157 7.20 -38.12 15.73
N TRP B 158 6.88 -38.90 14.70
CA TRP B 158 5.49 -39.32 14.45
C TRP B 158 4.98 -40.26 15.55
N ALA B 159 5.84 -41.15 16.01
CA ALA B 159 5.51 -42.05 17.12
C ALA B 159 5.06 -41.27 18.35
N PHE B 160 5.80 -40.21 18.68
CA PHE B 160 5.47 -39.34 19.81
C PHE B 160 4.17 -38.56 19.57
N MET B 161 3.98 -38.06 18.36
CA MET B 161 2.79 -37.30 17.98
C MET B 161 1.52 -38.17 17.99
N SER B 162 1.67 -39.40 17.52
CA SER B 162 0.53 -40.32 17.40
C SER B 162 0.12 -40.93 18.74
N SER B 163 1.11 -41.23 19.60
CA SER B 163 0.85 -41.82 20.92
C SER B 163 0.27 -40.80 21.90
N ARG B 164 0.66 -39.55 21.72
CA ARG B 164 0.13 -38.44 22.51
C ARG B 164 -0.93 -37.71 21.68
N GLN B 165 -1.69 -38.49 20.92
CA GLN B 165 -2.65 -38.02 19.91
C GLN B 165 -3.53 -36.87 20.39
N GLN B 166 -4.19 -37.06 21.53
CA GLN B 166 -5.21 -36.10 21.98
C GLN B 166 -4.67 -34.72 22.34
N SER B 167 -3.42 -34.66 22.82
CA SER B 167 -2.81 -33.39 23.23
C SER B 167 -1.80 -32.85 22.21
N ALA B 168 -0.92 -33.72 21.71
CA ALA B 168 0.16 -33.31 20.81
C ALA B 168 -0.33 -32.71 19.50
N LEU B 169 -1.43 -33.26 18.96
CA LEU B 169 -2.03 -32.74 17.72
C LEU B 169 -3.15 -31.75 18.03
N VAL B 170 -3.11 -30.62 17.33
CA VAL B 170 -4.07 -29.52 17.53
C VAL B 170 -5.15 -29.49 16.45
N LYS B 171 -6.21 -28.73 16.70
CA LYS B 171 -7.34 -28.62 15.75
C LYS B 171 -6.97 -27.77 14.53
N ASN B 172 -6.29 -26.64 14.78
CA ASN B 172 -5.88 -25.71 13.72
C ASN B 172 -4.62 -24.94 14.08
N SER B 173 -4.10 -24.18 13.12
CA SER B 173 -2.89 -23.37 13.32
C SER B 173 -3.04 -22.35 14.44
N ASP B 174 -4.20 -21.70 14.52
CA ASP B 174 -4.49 -20.74 15.59
C ASP B 174 -4.39 -21.36 16.98
N GLU B 175 -4.93 -22.57 17.11
CA GLU B 175 -4.83 -23.35 18.34
C GLU B 175 -3.38 -23.73 18.64
N GLY B 176 -2.65 -24.15 17.62
CA GLY B 176 -1.25 -24.54 17.75
C GLY B 176 -0.34 -23.41 18.19
N ILE B 177 -0.57 -22.22 17.64
CA ILE B 177 0.16 -21.02 18.05
C ILE B 177 -0.11 -20.68 19.52
N GLN B 178 -1.38 -20.78 19.91
CA GLN B 178 -1.80 -20.53 21.30
C GLN B 178 -1.18 -21.53 22.28
N ARG B 179 -1.05 -22.79 21.84
CA ARG B 179 -0.40 -23.85 22.61
C ARG B 179 1.09 -23.59 22.80
N VAL B 180 1.71 -23.02 21.78
CA VAL B 180 3.10 -22.58 21.82
C VAL B 180 3.25 -21.44 22.84
N LEU B 181 2.32 -20.49 22.79
CA LEU B 181 2.37 -19.29 23.64
C LEU B 181 2.06 -19.54 25.12
N THR B 182 1.29 -20.59 25.40
CA THR B 182 0.78 -20.83 26.76
C THR B 182 1.45 -21.99 27.50
N THR B 183 1.83 -23.04 26.78
CA THR B 183 2.47 -24.22 27.37
C THR B 183 3.85 -24.49 26.74
N ASP B 184 4.57 -25.46 27.29
CA ASP B 184 5.88 -25.88 26.76
C ASP B 184 5.70 -26.78 25.54
N TYR B 185 5.50 -26.13 24.38
CA TYR B 185 5.08 -26.79 23.16
C TYR B 185 5.75 -26.19 21.93
N ALA B 186 6.15 -27.05 21.00
CA ALA B 186 6.68 -26.62 19.71
C ALA B 186 5.76 -27.11 18.59
N LEU B 187 5.38 -26.19 17.70
CA LEU B 187 4.48 -26.53 16.61
C LEU B 187 5.26 -26.75 15.31
N LEU B 188 4.95 -27.86 14.65
CA LEU B 188 5.47 -28.16 13.32
C LEU B 188 4.51 -27.58 12.29
N MET B 189 5.01 -26.66 11.46
CA MET B 189 4.16 -25.94 10.51
C MET B 189 5.00 -25.44 9.33
N GLU B 190 4.32 -25.00 8.26
CA GLU B 190 5.02 -24.52 7.07
C GLU B 190 5.83 -23.26 7.37
N SER B 191 7.03 -23.19 6.77
CA SER B 191 7.97 -22.08 6.97
C SER B 191 7.35 -20.71 6.68
N THR B 192 6.51 -20.65 5.65
CA THR B 192 5.78 -19.42 5.33
C THR B 192 4.94 -18.94 6.52
N SER B 193 4.19 -19.85 7.12
CA SER B 193 3.33 -19.54 8.27
C SER B 193 4.13 -19.12 9.49
N ILE B 194 5.25 -19.80 9.74
CA ILE B 194 6.13 -19.45 10.85
C ILE B 194 6.68 -18.03 10.68
N GLU B 195 7.14 -17.71 9.48
CA GLU B 195 7.65 -16.38 9.15
C GLU B 195 6.58 -15.33 9.44
N TYR B 196 5.35 -15.59 9.00
CA TYR B 196 4.22 -14.67 9.19
C TYR B 196 3.92 -14.45 10.68
N VAL B 197 3.95 -15.54 11.45
CA VAL B 197 3.64 -15.50 12.89
C VAL B 197 4.77 -14.82 13.69
N THR B 198 6.01 -15.17 13.41
CA THR B 198 7.16 -14.62 14.15
C THR B 198 7.34 -13.12 13.94
N GLN B 199 6.91 -12.63 12.78
CA GLN B 199 6.90 -11.18 12.51
C GLN B 199 5.88 -10.48 13.41
N ARG B 200 4.88 -11.23 13.88
CA ARG B 200 3.78 -10.68 14.67
C ARG B 200 3.84 -11.06 16.16
N ASN B 201 4.71 -12.01 16.49
CA ASN B 201 4.98 -12.42 17.87
C ASN B 201 6.47 -12.41 18.17
N CYS B 202 6.93 -11.42 18.92
CA CYS B 202 8.36 -11.26 19.20
C CYS B 202 8.90 -12.29 20.17
N ASN B 203 8.00 -12.98 20.87
CA ASN B 203 8.38 -14.04 21.81
C ASN B 203 8.59 -15.39 21.11
N LEU B 204 8.16 -15.46 19.85
CA LEU B 204 8.21 -16.69 19.07
C LEU B 204 9.33 -16.67 18.03
N THR B 205 9.87 -17.85 17.72
CA THR B 205 10.94 -17.96 16.73
C THR B 205 10.88 -19.28 15.96
N GLN B 206 11.51 -19.31 14.80
CA GLN B 206 11.70 -20.53 14.03
C GLN B 206 12.86 -21.33 14.61
N ILE B 207 12.70 -22.64 14.67
CA ILE B 207 13.76 -23.53 15.14
C ILE B 207 14.23 -24.43 14.01
N GLY B 208 15.52 -24.32 13.68
CA GLY B 208 16.13 -25.14 12.65
C GLY B 208 15.73 -24.68 11.26
N GLY B 209 15.99 -25.53 10.27
CA GLY B 209 15.68 -25.24 8.88
C GLY B 209 14.45 -25.96 8.36
N LEU B 210 14.39 -26.17 7.05
CA LEU B 210 13.26 -26.83 6.43
C LEU B 210 13.34 -28.35 6.54
N ILE B 211 12.24 -28.96 6.95
CA ILE B 211 12.15 -30.41 7.09
C ILE B 211 11.77 -31.10 5.75
N ASP B 212 10.97 -30.42 4.93
CA ASP B 212 10.73 -30.87 3.55
C ASP B 212 10.79 -29.71 2.56
N SER B 213 10.35 -29.93 1.32
CA SER B 213 10.35 -28.85 0.32
C SER B 213 9.21 -29.02 -0.65
N LYS B 214 8.56 -27.90 -0.96
CA LYS B 214 7.51 -27.87 -1.99
C LYS B 214 7.38 -26.45 -2.49
N GLY B 215 6.68 -26.29 -3.61
CA GLY B 215 6.44 -24.97 -4.17
C GLY B 215 4.97 -24.68 -4.42
N TYR B 216 4.62 -23.41 -4.34
CA TYR B 216 3.34 -22.92 -4.82
C TYR B 216 3.50 -22.47 -6.27
N GLY B 217 2.60 -22.90 -7.13
CA GLY B 217 2.65 -22.49 -8.53
C GLY B 217 1.27 -22.08 -9.01
N VAL B 218 1.24 -21.38 -10.14
CA VAL B 218 -0.04 -21.02 -10.72
C VAL B 218 -0.59 -22.23 -11.49
N GLY B 219 -1.81 -22.63 -11.18
CA GLY B 219 -2.45 -23.77 -11.85
C GLY B 219 -3.13 -23.36 -13.15
N THR B 220 -3.09 -24.25 -14.14
CA THR B 220 -3.78 -24.05 -15.40
C THR B 220 -4.36 -25.41 -15.83
N PRO B 221 -5.33 -25.39 -16.77
CA PRO B 221 -5.72 -26.66 -17.36
C PRO B 221 -4.55 -27.25 -18.13
N ILE B 222 -4.55 -28.58 -18.29
CA ILE B 222 -3.51 -29.23 -19.08
C ILE B 222 -3.48 -28.63 -20.48
N GLY B 223 -2.29 -28.26 -20.93
CA GLY B 223 -2.12 -27.70 -22.27
C GLY B 223 -2.28 -26.19 -22.40
N SER B 224 -2.63 -25.50 -21.30
CA SER B 224 -2.82 -24.06 -21.35
C SER B 224 -1.60 -23.35 -21.92
N PRO B 225 -1.81 -22.44 -22.91
CA PRO B 225 -0.69 -21.67 -23.45
C PRO B 225 -0.22 -20.56 -22.51
N TYR B 226 -0.86 -20.42 -21.35
CA TYR B 226 -0.44 -19.41 -20.37
C TYR B 226 0.61 -19.92 -19.39
N ARG B 227 0.73 -21.24 -19.26
CA ARG B 227 1.58 -21.82 -18.21
C ARG B 227 3.05 -21.38 -18.32
N ASP B 228 3.64 -21.61 -19.49
CA ASP B 228 5.05 -21.25 -19.69
C ASP B 228 5.26 -19.72 -19.66
N LYS B 229 4.29 -18.96 -20.16
CA LYS B 229 4.36 -17.48 -20.07
C LYS B 229 4.39 -17.03 -18.61
N ILE B 230 3.58 -17.66 -17.78
CA ILE B 230 3.53 -17.32 -16.35
C ILE B 230 4.83 -17.70 -15.65
N THR B 231 5.41 -18.83 -16.02
CA THR B 231 6.73 -19.21 -15.51
C THR B 231 7.74 -18.09 -15.81
N ILE B 232 7.76 -17.62 -17.05
N ILE B 232 7.76 -17.63 -17.07
CA ILE B 232 8.72 -16.59 -17.46
CA ILE B 232 8.68 -16.58 -17.51
C ILE B 232 8.50 -15.29 -16.67
C ILE B 232 8.50 -15.30 -16.68
N ALA B 233 7.24 -14.90 -16.50
CA ALA B 233 6.91 -13.71 -15.69
C ALA B 233 7.36 -13.89 -14.24
N ILE B 234 7.12 -15.07 -13.68
CA ILE B 234 7.55 -15.36 -12.32
C ILE B 234 9.08 -15.25 -12.20
N LEU B 235 9.81 -15.81 -13.17
CA LEU B 235 11.28 -15.69 -13.16
C LEU B 235 11.77 -14.23 -13.22
N GLN B 236 11.13 -13.43 -14.06
N GLN B 236 11.13 -13.44 -14.08
CA GLN B 236 11.44 -12.00 -14.13
CA GLN B 236 11.38 -11.99 -14.13
C GLN B 236 11.19 -11.29 -12.79
C GLN B 236 11.23 -11.37 -12.75
N LEU B 237 10.05 -11.57 -12.16
CA LEU B 237 9.71 -10.98 -10.86
C LEU B 237 10.68 -11.43 -9.77
N GLN B 238 11.05 -12.71 -9.82
CA GLN B 238 12.06 -13.27 -8.89
C GLN B 238 13.37 -12.53 -9.05
N GLU B 239 13.87 -12.46 -10.28
CA GLU B 239 15.21 -11.93 -10.54
C GLU B 239 15.31 -10.43 -10.29
N GLU B 240 14.22 -9.71 -10.57
N GLU B 240 14.21 -9.72 -10.56
CA GLU B 240 14.21 -8.25 -10.39
CA GLU B 240 14.15 -8.27 -10.40
C GLU B 240 13.81 -7.83 -8.96
C GLU B 240 13.97 -7.83 -8.94
N GLY B 241 13.71 -8.81 -8.07
CA GLY B 241 13.50 -8.55 -6.63
C GLY B 241 12.07 -8.23 -6.26
N LYS B 242 11.15 -8.42 -7.21
CA LYS B 242 9.75 -8.03 -7.00
C LYS B 242 8.99 -9.02 -6.13
N LEU B 243 9.32 -10.31 -6.25
CA LEU B 243 8.71 -11.32 -5.38
C LEU B 243 9.12 -11.09 -3.92
N HIS B 244 10.39 -10.69 -3.73
CA HIS B 244 10.89 -10.33 -2.40
C HIS B 244 10.09 -9.14 -1.87
N MET B 245 9.93 -8.13 -2.70
CA MET B 245 9.19 -6.93 -2.30
C MET B 245 7.72 -7.24 -1.93
N MET B 246 7.09 -8.09 -2.73
N MET B 246 7.08 -8.09 -2.73
CA MET B 246 5.71 -8.50 -2.48
CA MET B 246 5.70 -8.49 -2.45
C MET B 246 5.57 -9.34 -1.20
C MET B 246 5.57 -9.35 -1.20
N LYS B 247 6.55 -10.20 -0.95
CA LYS B 247 6.58 -10.99 0.29
C LYS B 247 6.76 -10.07 1.51
N GLU B 248 7.71 -9.14 1.40
N GLU B 248 7.72 -9.16 1.40
CA GLU B 248 7.98 -8.17 2.48
CA GLU B 248 7.98 -8.16 2.45
C GLU B 248 6.77 -7.28 2.79
C GLU B 248 6.73 -7.35 2.79
N LYS B 249 6.04 -6.88 1.75
CA LYS B 249 4.82 -6.07 1.90
C LYS B 249 3.82 -6.76 2.84
N TRP B 250 3.62 -8.05 2.64
CA TRP B 250 2.56 -8.78 3.35
C TRP B 250 3.01 -9.47 4.63
N TRP B 251 4.28 -9.86 4.69
CA TRP B 251 4.81 -10.62 5.82
C TRP B 251 5.35 -9.76 6.96
N ARG B 252 6.02 -8.66 6.64
CA ARG B 252 6.71 -7.85 7.65
C ARG B 252 5.72 -7.25 8.66
N GLY B 253 6.01 -7.45 9.95
CA GLY B 253 5.11 -7.01 11.03
C GLY B 253 5.44 -5.65 11.61
N ASN B 254 4.87 -5.38 12.79
CA ASN B 254 5.07 -4.10 13.50
C ASN B 254 6.52 -3.84 13.92
#